data_5JYJ
#
_entry.id   5JYJ
#
_cell.length_a   42.396
_cell.length_b   54.449
_cell.length_c   87.145
_cell.angle_alpha   90.00
_cell.angle_beta   90.00
_cell.angle_gamma   90.00
#
_symmetry.space_group_name_H-M   'P 2 21 21'
#
loop_
_entity.id
_entity.type
_entity.pdbx_description
1 polymer 'Sperm-egg fusion protein Juno'
2 branched 2-acetamido-2-deoxy-beta-D-glucopyranose-(1-4)-2-acetamido-2-deoxy-beta-D-glucopyranose
3 water water
#
_entity_poly.entity_id   1
_entity_poly.type   'polypeptide(L)'
_entity_poly.pdbx_seq_one_letter_code
;GDKLLSVCMNSKRHKQEPGPEDELYQECRPWEDNACCTRSTSWEAHLEEPLLFDFSMMHCGLLTPACRKHFIQAICFHEC
SPNLGPWIQPVVPNGQEEQRVWGVPLCQEDCEDWWRACHSSLTCKSNWLHGWDWSEEKKHCPAHEPCLPFSYHFPTPDDL
CEKIWNNTFKASPERRNSGRCLQKWFEPTLSNPNVEVALHFASGLEVLFQ
;
_entity_poly.pdbx_strand_id   A
#
loop_
_chem_comp.id
_chem_comp.type
_chem_comp.name
_chem_comp.formula
NAG D-saccharide, beta linking 2-acetamido-2-deoxy-beta-D-glucopyranose 'C8 H15 N O6'
#
# COMPACT_ATOMS: atom_id res chain seq x y z
N LEU A 5 5.72 -17.75 10.81
CA LEU A 5 4.29 -17.56 10.86
C LEU A 5 3.89 -16.21 10.28
N SER A 6 2.86 -16.22 9.44
CA SER A 6 2.34 -15.02 8.80
C SER A 6 0.95 -14.70 9.34
N VAL A 7 0.70 -13.42 9.61
CA VAL A 7 -0.54 -12.97 10.23
C VAL A 7 -1.15 -11.85 9.39
N CYS A 8 -2.39 -11.50 9.74
CA CYS A 8 -3.09 -10.37 9.14
C CYS A 8 -3.38 -9.34 10.21
N MET A 9 -3.31 -8.07 9.84
CA MET A 9 -3.62 -6.99 10.78
C MET A 9 -5.11 -7.04 11.13
N ASN A 10 -5.42 -6.60 12.34
CA ASN A 10 -6.80 -6.58 12.82
C ASN A 10 -7.52 -5.36 12.27
N SER A 11 -8.59 -5.59 11.51
CA SER A 11 -9.42 -4.51 10.98
C SER A 11 -10.79 -5.08 10.65
N LYS A 12 -11.71 -4.19 10.30
CA LYS A 12 -13.04 -4.61 9.91
C LYS A 12 -13.08 -5.23 8.51
N ARG A 13 -11.96 -5.25 7.80
CA ARG A 13 -11.88 -5.80 6.45
C ARG A 13 -11.03 -7.05 6.34
N HIS A 14 -9.87 -7.06 6.99
CA HIS A 14 -8.92 -8.15 6.83
C HIS A 14 -9.46 -9.46 7.38
N LYS A 15 -9.05 -10.56 6.76
CA LYS A 15 -9.37 -11.88 7.28
C LYS A 15 -8.61 -12.12 8.58
N GLN A 16 -9.11 -13.08 9.37
CA GLN A 16 -8.50 -13.35 10.67
C GLN A 16 -7.09 -13.89 10.53
N GLU A 17 -6.89 -14.85 9.63
CA GLU A 17 -5.59 -15.42 9.37
C GLU A 17 -5.41 -15.57 7.87
N PRO A 18 -4.16 -15.61 7.38
CA PRO A 18 -3.94 -15.74 5.95
C PRO A 18 -4.46 -17.07 5.40
N GLY A 19 -4.95 -17.01 4.17
CA GLY A 19 -5.47 -18.19 3.50
C GLY A 19 -5.57 -17.98 2.01
N PRO A 20 -5.50 -19.07 1.25
CA PRO A 20 -5.61 -18.94 -0.21
C PRO A 20 -6.99 -18.45 -0.63
N GLU A 21 -7.01 -17.70 -1.72
CA GLU A 21 -8.25 -17.17 -2.30
C GLU A 21 -8.41 -17.72 -3.70
N ASP A 22 -9.60 -18.24 -3.99
CA ASP A 22 -9.87 -18.82 -5.31
C ASP A 22 -9.89 -17.74 -6.39
N GLU A 23 -10.52 -16.60 -6.09
CA GLU A 23 -10.66 -15.53 -7.08
C GLU A 23 -10.43 -14.19 -6.41
N LEU A 24 -9.37 -13.49 -6.83
CA LEU A 24 -9.11 -12.12 -6.43
C LEU A 24 -9.10 -11.24 -7.68
N TYR A 25 -9.71 -10.05 -7.57
CA TYR A 25 -9.81 -9.17 -8.71
C TYR A 25 -8.41 -8.79 -9.21
N GLN A 26 -8.34 -8.48 -10.52
CA GLN A 26 -7.11 -8.51 -11.30
C GLN A 26 -5.84 -8.09 -10.56
N GLU A 27 -5.79 -6.85 -10.06
CA GLU A 27 -4.53 -6.36 -9.52
C GLU A 27 -4.16 -7.04 -8.20
N CYS A 28 -5.13 -7.60 -7.48
CA CYS A 28 -4.85 -8.32 -6.25
C CYS A 28 -4.55 -9.80 -6.49
N ARG A 29 -4.43 -10.22 -7.75
CA ARG A 29 -4.21 -11.63 -8.05
C ARG A 29 -2.93 -12.22 -7.47
N PRO A 30 -1.77 -11.55 -7.47
CA PRO A 30 -0.54 -12.22 -7.00
C PRO A 30 -0.60 -12.72 -5.57
N TRP A 31 -1.61 -12.36 -4.78
CA TRP A 31 -1.73 -12.82 -3.40
C TRP A 31 -2.74 -13.95 -3.25
N GLU A 32 -3.21 -14.54 -4.35
CA GLU A 32 -4.20 -15.61 -4.26
C GLU A 32 -3.65 -16.83 -3.53
N ASP A 33 -2.34 -17.05 -3.60
CA ASP A 33 -1.75 -18.20 -2.91
C ASP A 33 -1.94 -18.10 -1.41
N ASN A 34 -1.81 -16.89 -0.85
CA ASN A 34 -1.96 -16.67 0.58
C ASN A 34 -2.31 -15.20 0.78
N ALA A 35 -3.57 -14.94 1.13
CA ALA A 35 -4.09 -13.58 1.17
C ALA A 35 -4.70 -13.26 2.53
N CYS A 36 -4.72 -11.97 2.83
CA CYS A 36 -5.44 -11.44 3.99
C CYS A 36 -6.73 -10.73 3.61
N CYS A 37 -7.05 -10.71 2.32
CA CYS A 37 -8.21 -9.99 1.80
C CYS A 37 -9.23 -10.97 1.25
N THR A 38 -10.50 -10.59 1.34
CA THR A 38 -11.57 -11.35 0.71
C THR A 38 -11.75 -10.90 -0.73
N ARG A 39 -12.48 -11.71 -1.49
CA ARG A 39 -12.77 -11.35 -2.88
C ARG A 39 -13.57 -10.05 -2.96
N SER A 40 -14.44 -9.80 -1.98
CA SER A 40 -15.20 -8.56 -1.97
C SER A 40 -14.29 -7.35 -1.78
N THR A 41 -13.27 -7.48 -0.95
CA THR A 41 -12.35 -6.37 -0.73
C THR A 41 -11.50 -6.09 -1.96
N SER A 42 -11.10 -7.14 -2.69
CA SER A 42 -10.27 -6.95 -3.87
C SER A 42 -11.02 -6.23 -4.98
N TRP A 43 -12.33 -6.46 -5.10
CA TRP A 43 -13.12 -5.69 -6.06
C TRP A 43 -13.23 -4.24 -5.63
N GLU A 44 -13.36 -4.00 -4.32
CA GLU A 44 -13.43 -2.64 -3.81
C GLU A 44 -12.13 -1.88 -4.04
N ALA A 45 -11.00 -2.59 -4.08
CA ALA A 45 -9.70 -1.96 -4.27
C ALA A 45 -9.53 -1.36 -5.66
N HIS A 46 -10.38 -1.71 -6.62
CA HIS A 46 -10.27 -1.24 -7.99
C HIS A 46 -11.25 -0.12 -8.32
N LEU A 47 -12.05 0.31 -7.36
CA LEU A 47 -12.98 1.41 -7.60
C LEU A 47 -12.23 2.73 -7.67
N GLU A 48 -12.70 3.63 -8.53
CA GLU A 48 -12.08 4.95 -8.64
C GLU A 48 -12.28 5.76 -7.37
N GLU A 49 -13.37 5.52 -6.64
CA GLU A 49 -13.64 6.19 -5.37
C GLU A 49 -14.01 5.12 -4.34
N PRO A 50 -13.03 4.39 -3.83
CA PRO A 50 -13.33 3.33 -2.87
C PRO A 50 -13.77 3.90 -1.52
N LEU A 51 -14.73 3.23 -0.90
CA LEU A 51 -15.32 3.68 0.34
C LEU A 51 -15.03 2.76 1.53
N LEU A 52 -14.53 1.56 1.28
CA LEU A 52 -14.35 0.57 2.33
C LEU A 52 -13.12 0.82 3.18
N PHE A 53 -12.16 1.61 2.70
CA PHE A 53 -10.85 1.72 3.32
C PHE A 53 -10.70 3.03 4.07
N ASP A 54 -9.64 3.10 4.88
CA ASP A 54 -9.23 4.34 5.52
C ASP A 54 -8.53 5.29 4.56
N PHE A 55 -8.10 4.80 3.40
CA PHE A 55 -7.57 5.68 2.38
C PHE A 55 -8.72 6.31 1.61
N SER A 56 -8.38 7.32 0.80
CA SER A 56 -9.37 7.99 -0.04
C SER A 56 -8.63 8.68 -1.19
N MET A 57 -9.12 8.49 -2.40
CA MET A 57 -8.48 9.06 -3.59
C MET A 57 -8.64 10.58 -3.55
N MET A 58 -7.60 11.26 -3.07
CA MET A 58 -7.61 12.71 -2.97
C MET A 58 -6.98 13.35 -4.20
N HIS A 59 -7.42 12.90 -5.37
CA HIS A 59 -6.93 13.42 -6.64
C HIS A 59 -7.98 14.32 -7.26
N CYS A 60 -7.53 15.43 -7.84
N CYS A 60 -7.55 15.38 -7.92
CA CYS A 60 -8.33 16.32 -8.66
CA CYS A 60 -8.47 16.23 -8.64
C CYS A 60 -8.21 15.94 -10.13
C CYS A 60 -8.04 16.28 -10.10
N GLY A 61 -9.00 16.60 -10.96
CA GLY A 61 -8.83 16.47 -12.39
C GLY A 61 -9.04 15.04 -12.81
N LEU A 62 -8.23 14.56 -13.75
CA LEU A 62 -8.28 13.18 -14.20
C LEU A 62 -7.04 12.43 -13.78
N LEU A 63 -7.25 11.27 -13.16
CA LEU A 63 -6.16 10.38 -12.77
C LEU A 63 -5.90 9.41 -13.92
N THR A 64 -4.65 9.36 -14.38
CA THR A 64 -4.32 8.50 -15.50
C THR A 64 -4.45 7.02 -15.10
N PRO A 65 -4.80 6.15 -16.05
CA PRO A 65 -4.96 4.73 -15.71
C PRO A 65 -3.68 4.08 -15.21
N ALA A 66 -2.52 4.50 -15.70
CA ALA A 66 -1.27 3.96 -15.18
C ALA A 66 -1.06 4.38 -13.72
N CYS A 67 -1.37 5.64 -13.41
CA CYS A 67 -1.27 6.09 -12.02
C CYS A 67 -2.28 5.38 -11.14
N ARG A 68 -3.53 5.25 -11.62
CA ARG A 68 -4.57 4.60 -10.84
C ARG A 68 -4.22 3.14 -10.56
N LYS A 69 -3.56 2.48 -11.51
CA LYS A 69 -3.17 1.09 -11.32
C LYS A 69 -2.19 0.93 -10.15
N HIS A 70 -1.26 1.86 -10.01
CA HIS A 70 -0.30 1.79 -8.91
C HIS A 70 -1.00 1.96 -7.57
N PHE A 71 -1.99 2.85 -7.50
CA PHE A 71 -2.77 3.00 -6.27
C PHE A 71 -3.52 1.71 -5.95
N ILE A 72 -4.09 1.06 -6.96
CA ILE A 72 -4.82 -0.18 -6.74
C ILE A 72 -3.86 -1.27 -6.25
N GLN A 73 -2.69 -1.37 -6.86
CA GLN A 73 -1.70 -2.35 -6.43
C GLN A 73 -1.28 -2.10 -4.98
N ALA A 74 -1.11 -0.83 -4.61
CA ALA A 74 -0.78 -0.51 -3.23
C ALA A 74 -1.91 -0.91 -2.27
N ILE A 75 -3.16 -0.73 -2.70
CA ILE A 75 -4.28 -1.15 -1.88
C ILE A 75 -4.33 -2.68 -1.79
N CYS A 76 -4.14 -3.36 -2.93
CA CYS A 76 -4.06 -4.82 -2.92
C CYS A 76 -2.99 -5.30 -1.94
N PHE A 77 -1.81 -4.68 -2.00
CA PHE A 77 -0.72 -5.06 -1.11
C PHE A 77 -1.10 -4.84 0.35
N HIS A 78 -1.66 -3.67 0.67
CA HIS A 78 -2.03 -3.39 2.05
C HIS A 78 -3.15 -4.30 2.54
N GLU A 79 -4.07 -4.70 1.66
CA GLU A 79 -5.22 -5.48 2.08
C GLU A 79 -4.98 -6.99 2.02
N CYS A 80 -4.09 -7.45 1.15
CA CYS A 80 -3.95 -8.88 0.89
C CYS A 80 -2.63 -9.48 1.35
N SER A 81 -1.60 -8.69 1.59
CA SER A 81 -0.29 -9.24 1.93
C SER A 81 -0.33 -9.92 3.29
N PRO A 82 0.05 -11.20 3.39
CA PRO A 82 0.23 -11.84 4.69
C PRO A 82 1.60 -11.61 5.31
N ASN A 83 2.42 -10.73 4.74
CA ASN A 83 3.80 -10.56 5.17
C ASN A 83 4.04 -9.17 5.77
N LEU A 84 3.01 -8.58 6.37
CA LEU A 84 3.12 -7.27 7.00
C LEU A 84 3.25 -7.37 8.51
N GLY A 85 3.38 -8.57 9.05
CA GLY A 85 3.48 -8.82 10.47
C GLY A 85 4.40 -7.91 11.25
N PRO A 86 5.69 -7.86 10.87
CA PRO A 86 6.66 -7.09 11.66
C PRO A 86 6.45 -5.58 11.66
N TRP A 87 5.45 -5.09 10.93
CA TRP A 87 5.13 -3.66 10.91
C TRP A 87 3.74 -3.36 11.45
N ILE A 88 3.03 -4.36 11.97
CA ILE A 88 1.71 -4.13 12.54
C ILE A 88 1.85 -3.35 13.84
N GLN A 89 1.00 -2.34 14.01
CA GLN A 89 0.93 -1.52 15.20
C GLN A 89 -0.52 -1.25 15.54
N PRO A 90 -0.84 -1.00 16.81
CA PRO A 90 -2.22 -0.69 17.17
C PRO A 90 -2.65 0.67 16.62
N VAL A 91 -3.89 0.74 16.18
CA VAL A 91 -4.45 2.02 15.75
C VAL A 91 -4.54 2.96 16.94
N VAL A 92 -4.96 2.44 18.09
CA VAL A 92 -4.99 3.21 19.33
C VAL A 92 -4.32 2.39 20.43
N PRO A 93 -3.06 2.70 20.80
CA PRO A 93 -2.41 2.04 21.93
C PRO A 93 -3.07 2.43 23.26
N ASN A 94 -3.24 1.46 24.17
CA ASN A 94 -2.80 0.10 23.96
C ASN A 94 -3.97 -0.87 23.83
N GLY A 95 -4.26 -1.26 22.59
CA GLY A 95 -5.31 -2.21 22.28
C GLY A 95 -5.17 -2.71 20.86
N GLN A 96 -5.30 -4.02 20.65
CA GLN A 96 -5.01 -4.63 19.36
C GLN A 96 -6.26 -4.93 18.55
N GLU A 97 -7.43 -4.43 18.96
CA GLU A 97 -8.65 -4.66 18.20
C GLU A 97 -8.56 -4.04 16.81
N GLU A 98 -8.08 -2.81 16.74
CA GLU A 98 -7.89 -2.11 15.48
C GLU A 98 -6.39 -1.95 15.25
N GLN A 99 -5.89 -2.48 14.13
CA GLN A 99 -4.47 -2.47 13.83
C GLN A 99 -4.20 -1.88 12.46
N ARG A 100 -3.01 -1.31 12.32
CA ARG A 100 -2.51 -0.76 11.07
C ARG A 100 -1.08 -1.23 10.88
N VAL A 101 -0.48 -0.82 9.76
CA VAL A 101 0.94 -1.07 9.52
C VAL A 101 1.64 0.28 9.42
N TRP A 102 2.90 0.29 9.84
CA TRP A 102 3.67 1.52 9.87
C TRP A 102 5.07 1.24 9.35
N GLY A 103 5.51 2.03 8.38
CA GLY A 103 6.88 1.95 7.90
C GLY A 103 7.22 0.68 7.15
N VAL A 104 6.27 0.13 6.41
CA VAL A 104 6.56 -1.02 5.56
C VAL A 104 7.50 -0.56 4.46
N PRO A 105 8.73 -1.08 4.38
CA PRO A 105 9.72 -0.55 3.45
C PRO A 105 9.51 -1.07 2.04
N LEU A 106 9.02 -0.20 1.16
CA LEU A 106 8.84 -0.53 -0.24
C LEU A 106 10.13 -0.29 -1.00
N CYS A 107 10.46 -1.22 -1.90
CA CYS A 107 11.66 -1.09 -2.71
C CYS A 107 11.59 0.18 -3.56
N GLN A 108 12.77 0.62 -4.02
CA GLN A 108 12.86 1.88 -4.76
C GLN A 108 12.09 1.82 -6.07
N GLU A 109 12.16 0.68 -6.78
CA GLU A 109 11.46 0.57 -8.05
C GLU A 109 9.96 0.74 -7.87
N ASP A 110 9.41 0.17 -6.80
CA ASP A 110 7.97 0.29 -6.57
C ASP A 110 7.56 1.74 -6.32
N CYS A 111 8.38 2.49 -5.58
CA CYS A 111 8.07 3.89 -5.32
C CYS A 111 8.33 4.75 -6.55
N GLU A 112 9.40 4.46 -7.29
CA GLU A 112 9.74 5.26 -8.46
C GLU A 112 8.72 5.08 -9.57
N ASP A 113 8.37 3.83 -9.88
CA ASP A 113 7.35 3.57 -10.90
C ASP A 113 6.02 4.23 -10.52
N TRP A 114 5.64 4.11 -9.25
CA TRP A 114 4.44 4.78 -8.76
C TRP A 114 4.54 6.29 -8.95
N TRP A 115 5.72 6.86 -8.68
CA TRP A 115 5.89 8.30 -8.75
C TRP A 115 5.90 8.78 -10.20
N ARG A 116 6.55 8.03 -11.09
CA ARG A 116 6.61 8.43 -12.49
C ARG A 116 5.25 8.29 -13.17
N ALA A 117 4.50 7.25 -12.85
CA ALA A 117 3.20 7.04 -13.49
C ALA A 117 2.20 8.10 -13.06
N CYS A 118 2.36 8.66 -11.86
CA CYS A 118 1.48 9.68 -11.33
C CYS A 118 2.03 11.09 -11.50
N HIS A 119 3.15 11.24 -12.22
CA HIS A 119 3.85 12.52 -12.27
C HIS A 119 2.99 13.61 -12.88
N SER A 120 2.21 13.27 -13.91
CA SER A 120 1.38 14.26 -14.58
C SER A 120 0.04 14.48 -13.90
N SER A 121 -0.31 13.67 -12.91
CA SER A 121 -1.61 13.78 -12.27
C SER A 121 -1.65 14.94 -11.28
N LEU A 122 -2.87 15.30 -10.88
CA LEU A 122 -3.10 16.39 -9.95
C LEU A 122 -3.74 15.83 -8.68
N THR A 123 -3.37 16.41 -7.54
CA THR A 123 -3.91 16.00 -6.25
C THR A 123 -4.22 17.25 -5.42
N CYS A 124 -4.80 17.01 -4.26
N CYS A 124 -4.82 17.04 -4.25
CA CYS A 124 -5.22 18.05 -3.34
CA CYS A 124 -5.14 18.14 -3.37
C CYS A 124 -4.44 18.04 -2.03
C CYS A 124 -4.59 18.01 -1.95
N LYS A 125 -4.02 16.87 -1.58
CA LYS A 125 -3.32 16.71 -0.31
C LYS A 125 -2.11 15.81 -0.52
N SER A 126 -1.16 15.92 0.39
CA SER A 126 -0.01 15.02 0.41
C SER A 126 -0.23 13.81 1.29
N ASN A 127 -1.25 13.84 2.16
CA ASN A 127 -1.56 12.73 3.05
C ASN A 127 -3.03 12.37 2.86
N TRP A 128 -3.28 11.20 2.26
CA TRP A 128 -4.63 10.79 1.90
C TRP A 128 -5.29 9.91 2.95
N LEU A 129 -4.62 9.65 4.07
CA LEU A 129 -5.20 8.79 5.11
C LEU A 129 -6.24 9.56 5.90
N HIS A 130 -7.46 9.01 5.96
CA HIS A 130 -8.55 9.65 6.68
C HIS A 130 -8.29 9.66 8.19
N LYS A 139 -14.14 12.49 2.12
CA LYS A 139 -13.62 11.48 1.21
C LYS A 139 -13.30 12.11 -0.16
N HIS A 140 -13.87 13.28 -0.42
CA HIS A 140 -13.62 14.03 -1.62
C HIS A 140 -12.79 15.26 -1.30
N CYS A 141 -12.14 15.81 -2.32
CA CYS A 141 -11.29 16.99 -2.14
C CYS A 141 -12.16 18.22 -1.94
N PRO A 142 -11.99 18.96 -0.84
CA PRO A 142 -12.78 20.18 -0.64
C PRO A 142 -12.40 21.25 -1.65
N ALA A 143 -13.36 22.15 -1.88
CA ALA A 143 -13.18 23.19 -2.89
C ALA A 143 -12.11 24.21 -2.52
N HIS A 144 -11.81 24.38 -1.23
CA HIS A 144 -10.85 25.39 -0.82
C HIS A 144 -9.41 24.89 -0.91
N GLU A 145 -9.20 23.58 -0.96
CA GLU A 145 -7.85 23.05 -1.16
C GLU A 145 -7.48 23.10 -2.63
N PRO A 146 -6.36 23.73 -3.00
CA PRO A 146 -6.03 23.86 -4.42
C PRO A 146 -5.61 22.53 -5.03
N CYS A 147 -5.86 22.38 -6.32
N CYS A 147 -5.90 22.39 -6.31
CA CYS A 147 -5.53 21.14 -7.04
CA CYS A 147 -5.49 21.23 -7.09
C CYS A 147 -4.14 21.30 -7.66
C CYS A 147 -4.06 21.47 -7.58
N LEU A 148 -3.10 20.86 -6.92
CA LEU A 148 -1.70 21.05 -7.24
C LEU A 148 -1.09 19.82 -7.91
N PRO A 149 0.02 19.99 -8.62
CA PRO A 149 0.65 18.84 -9.28
C PRO A 149 1.11 17.78 -8.29
N PHE A 150 1.15 16.54 -8.77
CA PHE A 150 1.63 15.43 -7.95
C PHE A 150 3.07 15.66 -7.53
N SER A 151 3.90 16.18 -8.43
CA SER A 151 5.31 16.42 -8.14
C SER A 151 5.50 17.57 -7.15
N TYR A 152 4.47 18.41 -6.93
CA TYR A 152 4.58 19.43 -5.91
C TYR A 152 4.40 18.85 -4.51
N HIS A 153 3.33 18.06 -4.31
CA HIS A 153 3.12 17.42 -3.02
C HIS A 153 4.13 16.30 -2.78
N PHE A 154 4.61 15.66 -3.84
CA PHE A 154 5.57 14.56 -3.74
C PHE A 154 6.73 14.85 -4.68
N PRO A 155 7.71 15.65 -4.26
CA PRO A 155 8.82 15.99 -5.15
C PRO A 155 9.70 14.81 -5.52
N THR A 156 9.74 13.76 -4.70
CA THR A 156 10.53 12.57 -4.95
C THR A 156 9.66 11.35 -4.73
N PRO A 157 10.04 10.20 -5.32
CA PRO A 157 9.34 8.96 -4.99
C PRO A 157 9.36 8.63 -3.50
N ASP A 158 10.40 9.07 -2.78
CA ASP A 158 10.43 8.87 -1.34
C ASP A 158 9.26 9.57 -0.65
N ASP A 159 9.00 10.82 -1.05
CA ASP A 159 7.90 11.57 -0.43
C ASP A 159 6.56 10.91 -0.72
N LEU A 160 6.37 10.42 -1.95
CA LEU A 160 5.11 9.77 -2.30
C LEU A 160 4.87 8.54 -1.44
N CYS A 161 5.85 7.63 -1.40
CA CYS A 161 5.64 6.36 -0.70
C CYS A 161 5.38 6.58 0.79
N GLU A 162 6.00 7.58 1.39
CA GLU A 162 5.91 7.76 2.83
C GLU A 162 4.74 8.63 3.27
N LYS A 163 4.44 9.69 2.52
CA LYS A 163 3.41 10.65 2.92
C LYS A 163 2.00 10.27 2.47
N ILE A 164 1.87 9.44 1.43
CA ILE A 164 0.57 9.25 0.79
C ILE A 164 -0.43 8.65 1.77
N TRP A 165 0.03 7.77 2.66
CA TRP A 165 -0.84 7.06 3.60
C TRP A 165 -0.33 7.22 5.03
N ASN A 166 0.20 8.41 5.36
CA ASN A 166 0.66 8.75 6.70
C ASN A 166 1.61 7.70 7.26
N ASN A 167 2.76 7.55 6.59
CA ASN A 167 3.84 6.67 7.01
C ASN A 167 3.42 5.21 7.07
N THR A 168 2.38 4.83 6.33
CA THR A 168 2.05 3.41 6.19
C THR A 168 3.19 2.67 5.51
N PHE A 169 3.81 3.28 4.51
CA PHE A 169 4.99 2.75 3.87
C PHE A 169 6.21 3.56 4.26
N LYS A 170 7.37 2.91 4.19
CA LYS A 170 8.66 3.57 4.29
C LYS A 170 9.36 3.50 2.95
N ALA A 171 9.98 4.60 2.54
CA ALA A 171 10.79 4.63 1.33
C ALA A 171 12.10 3.92 1.59
N SER A 172 12.17 2.64 1.30
CA SER A 172 13.37 1.87 1.54
C SER A 172 14.50 2.37 0.64
N PRO A 173 15.71 2.57 1.19
CA PRO A 173 16.86 2.90 0.36
C PRO A 173 17.34 1.74 -0.50
N GLU A 174 16.86 0.53 -0.23
CA GLU A 174 17.24 -0.66 -0.99
C GLU A 174 16.37 -0.81 -2.24
N ARG A 175 16.82 -1.66 -3.14
CA ARG A 175 16.14 -1.93 -4.39
C ARG A 175 15.66 -3.38 -4.41
N ARG A 176 14.94 -3.74 -5.46
CA ARG A 176 14.39 -5.09 -5.56
C ARG A 176 15.51 -6.13 -5.59
N ASN A 177 15.20 -7.33 -5.09
CA ASN A 177 16.12 -8.46 -4.99
C ASN A 177 17.26 -8.22 -4.01
N SER A 178 17.12 -7.21 -3.15
CA SER A 178 18.12 -7.00 -2.09
C SER A 178 17.80 -7.76 -0.82
N GLY A 179 16.63 -8.41 -0.74
CA GLY A 179 16.22 -9.06 0.48
C GLY A 179 15.94 -8.15 1.64
N ARG A 180 15.90 -6.83 1.41
CA ARG A 180 15.72 -5.85 2.47
C ARG A 180 14.58 -4.87 2.21
N CYS A 181 13.70 -5.17 1.26
CA CYS A 181 12.55 -4.31 1.00
C CYS A 181 11.45 -5.15 0.36
N LEU A 182 10.25 -4.59 0.34
CA LEU A 182 9.08 -5.30 -0.18
C LEU A 182 8.58 -4.64 -1.45
N GLN A 183 7.96 -5.45 -2.31
CA GLN A 183 7.31 -4.96 -3.52
C GLN A 183 5.81 -4.90 -3.27
N LYS A 184 5.19 -3.78 -3.67
CA LYS A 184 3.74 -3.65 -3.54
C LYS A 184 3.00 -4.45 -4.60
N TRP A 185 3.72 -5.04 -5.55
CA TRP A 185 3.11 -5.87 -6.59
C TRP A 185 4.18 -6.73 -7.23
N PHE A 186 3.77 -7.88 -7.73
CA PHE A 186 4.65 -8.80 -8.44
C PHE A 186 3.81 -9.65 -9.36
N GLU A 187 4.47 -10.23 -10.37
CA GLU A 187 3.76 -11.06 -11.33
C GLU A 187 3.18 -12.28 -10.62
N PRO A 188 1.89 -12.59 -10.85
CA PRO A 188 1.29 -13.72 -10.12
C PRO A 188 1.93 -15.05 -10.42
N THR A 189 2.54 -15.23 -11.60
CA THR A 189 3.22 -16.48 -11.90
C THR A 189 4.48 -16.65 -11.06
N LEU A 190 5.06 -15.56 -10.57
CA LEU A 190 6.27 -15.64 -9.77
C LEU A 190 5.93 -15.97 -8.32
N SER A 191 6.90 -16.56 -7.62
CA SER A 191 6.77 -16.75 -6.19
C SER A 191 6.81 -15.41 -5.48
N ASN A 192 6.10 -15.34 -4.34
CA ASN A 192 6.00 -14.10 -3.58
C ASN A 192 7.38 -13.70 -3.05
N PRO A 193 7.95 -12.59 -3.52
CA PRO A 193 9.29 -12.20 -3.08
C PRO A 193 9.33 -11.56 -1.71
N ASN A 194 8.18 -11.22 -1.13
CA ASN A 194 8.15 -10.52 0.16
C ASN A 194 8.12 -11.46 1.36
N VAL A 195 7.94 -12.77 1.13
CA VAL A 195 7.82 -13.71 2.24
C VAL A 195 9.13 -13.75 3.04
N GLU A 196 10.26 -13.87 2.34
CA GLU A 196 11.54 -13.97 3.03
C GLU A 196 12.09 -12.60 3.43
N VAL A 197 11.63 -11.52 2.82
CA VAL A 197 12.00 -10.19 3.28
C VAL A 197 11.34 -9.90 4.63
N ALA A 198 10.06 -10.22 4.76
CA ALA A 198 9.38 -10.03 6.03
C ALA A 198 9.98 -10.90 7.12
N LEU A 199 10.29 -12.16 6.80
CA LEU A 199 10.96 -13.03 7.76
C LEU A 199 12.33 -12.51 8.12
N HIS A 200 13.02 -11.88 7.16
CA HIS A 200 14.31 -11.26 7.45
C HIS A 200 14.15 -10.12 8.45
N PHE A 201 13.14 -9.28 8.26
CA PHE A 201 12.87 -8.21 9.21
C PHE A 201 12.40 -8.77 10.55
N ALA A 202 11.61 -9.84 10.52
CA ALA A 202 11.19 -10.49 11.76
C ALA A 202 12.36 -11.12 12.50
N SER A 203 13.47 -11.39 11.82
CA SER A 203 14.65 -11.98 12.43
C SER A 203 15.67 -10.94 12.89
N GLY A 204 15.27 -9.67 12.97
CA GLY A 204 16.11 -8.65 13.57
C GLY A 204 16.86 -7.73 12.63
N LEU A 205 16.44 -7.60 11.37
CA LEU A 205 17.13 -6.72 10.44
C LEU A 205 16.92 -5.26 10.81
N GLU A 206 17.99 -4.47 10.73
CA GLU A 206 18.00 -3.03 10.91
C GLU A 206 17.67 -2.59 12.33
N VAL A 207 17.57 -3.51 13.27
CA VAL A 207 17.36 -3.16 14.67
C VAL A 207 18.43 -3.86 15.51
N LEU A 208 18.95 -4.98 14.98
CA LEU A 208 19.92 -5.78 15.70
C LEU A 208 21.18 -6.09 14.90
N PHE A 209 21.17 -5.90 13.58
CA PHE A 209 22.36 -6.07 12.76
C PHE A 209 22.19 -5.36 11.42
C1 NAG B . -2.61 12.10 8.04
C2 NAG B . -3.78 12.15 9.03
C3 NAG B . -4.69 13.31 8.70
C4 NAG B . -3.90 14.61 8.64
C5 NAG B . -2.69 14.47 7.71
C6 NAG B . -1.77 15.67 7.74
C7 NAG B . -4.27 9.91 9.89
C8 NAG B . -5.13 8.69 9.76
N2 NAG B . -4.51 10.89 9.03
O3 NAG B . -5.70 13.40 9.70
O4 NAG B . -4.74 15.64 8.12
O5 NAG B . -1.89 13.33 8.08
O6 NAG B . -0.71 15.50 8.65
O7 NAG B . -3.41 9.99 10.76
C1 NAG B . -5.11 16.58 9.16
C2 NAG B . -5.40 17.91 8.48
C3 NAG B . -6.44 18.71 9.27
C4 NAG B . -6.38 18.40 10.76
C5 NAG B . -6.50 16.90 11.04
C6 NAG B . -7.88 16.51 11.54
C7 NAG B . -3.55 18.78 7.13
C8 NAG B . -2.30 19.61 7.12
N2 NAG B . -4.17 18.68 8.30
O3 NAG B . -7.73 18.44 8.75
O4 NAG B . -5.18 18.90 11.33
O5 NAG B . -6.27 16.14 9.85
O6 NAG B . -8.04 15.09 11.55
O7 NAG B . -3.97 18.24 6.11
#